data_1DBK
#
_entry.id   1DBK
#
_cell.length_a   134.760
_cell.length_b   134.760
_cell.length_c   124.210
_cell.angle_alpha   90.00
_cell.angle_beta   90.00
_cell.angle_gamma   120.00
#
_symmetry.space_group_name_H-M   'P 64 2 2'
#
loop_
_entity.id
_entity.type
_entity.pdbx_description
1 polymer 'IGG1-KAPPA DB3 FAB (LIGHT CHAIN)'
2 polymer 'IGG1-KAPPA DB3 FAB (HEAVY CHAIN)'
3 non-polymer 5-BETA-ANDROSTANE-3,17-DIONE
4 water water
#
loop_
_entity_poly.entity_id
_entity_poly.type
_entity_poly.pdbx_seq_one_letter_code
_entity_poly.pdbx_strand_id
1 'polypeptide(L)'
;DVVMTQIPLSLPVNLGDQASISCRSSQSLIHSNGNTYLHWYLQKPGQSPKLLMYKVSNRFYGVPDRFSGSGSGTDFTLKI
SRVEAEDLGIYFCSQSSHVPPTFGGGTKLEIKRADAAPTVSIFPPSSEQLTSGGASVVCFLNNFYPKDINVKWKIDGSER
QNGVLNSWTDQDSKDSTYSMSSTLTLTKDEYERHNSYTCEATHKTSTSPIVKSFNR
;
L
2 'polypeptide(L)'
;QIQLVQSGPELKKPGETVKISCKASGYAFTNYGVNWVKEAPGKELKWMGWINIYTGEPTYVDDFKGRFAFSLETSASTAY
LEINNLKNEDTATYFCTRGDYVNWYFDVWGAGTTVTVSSAKTTPPSVYPLAPGSAAQTNSMVTLGCLVKGYFPEPVTVTW
NSGSLSSGVHTFPAVLQSDLYTLSSSVTVPSSPRPSETVTCNVAHPASSTKVDKKIVPR
;
H
#
loop_
_chem_comp.id
_chem_comp.type
_chem_comp.name
_chem_comp.formula
ANO non-polymer 5-BETA-ANDROSTANE-3,17-DIONE 'C19 H28 O2'
#
# COMPACT_ATOMS: atom_id res chain seq x y z
N ASP A 1 21.45 7.49 11.50
CA ASP A 1 21.48 8.83 11.00
C ASP A 1 20.13 9.49 11.29
N VAL A 2 20.10 10.69 11.91
CA VAL A 2 18.92 11.50 12.27
C VAL A 2 17.58 10.96 11.81
N VAL A 3 17.02 10.14 12.70
CA VAL A 3 15.77 9.39 12.63
C VAL A 3 14.62 10.38 12.74
N MET A 4 13.79 10.61 11.73
CA MET A 4 12.72 11.60 11.83
C MET A 4 11.47 10.87 12.25
N THR A 5 10.77 11.34 13.29
CA THR A 5 9.63 10.64 13.85
C THR A 5 8.37 11.44 13.86
N GLN A 6 7.47 11.11 12.95
CA GLN A 6 6.13 11.71 12.95
C GLN A 6 5.26 10.94 13.92
N ILE A 7 4.21 11.58 14.43
CA ILE A 7 3.14 10.90 15.12
C ILE A 7 2.00 11.91 14.92
N PRO A 8 0.71 11.61 14.77
CA PRO A 8 0.13 10.29 14.65
C PRO A 8 0.56 9.47 13.44
N LEU A 9 -0.20 8.50 12.96
CA LEU A 9 0.09 7.77 11.76
C LEU A 9 -1.18 7.96 11.00
N SER A 10 -2.34 7.96 11.66
CA SER A 10 -3.58 8.40 10.98
C SER A 10 -4.00 9.66 11.68
N LEU A 11 -4.65 10.59 11.00
CA LEU A 11 -5.14 11.75 11.67
C LEU A 11 -6.48 11.84 10.97
N PRO A 12 -7.50 11.31 11.67
CA PRO A 12 -8.92 11.47 11.39
C PRO A 12 -9.25 12.91 11.44
N VAL A 13 -9.75 13.47 10.35
CA VAL A 13 -10.05 14.90 10.31
C VAL A 13 -11.44 15.08 9.66
N ASN A 14 -12.30 16.04 10.04
CA ASN A 14 -13.50 16.36 9.26
C ASN A 14 -13.05 17.50 8.38
N LEU A 15 -13.41 17.46 7.09
CA LEU A 15 -13.13 18.55 6.16
C LEU A 15 -13.82 19.74 6.79
N GLY A 16 -13.09 20.83 6.81
CA GLY A 16 -13.48 22.06 7.52
C GLY A 16 -12.58 22.26 8.75
N ASP A 17 -12.19 21.19 9.44
CA ASP A 17 -11.33 21.27 10.58
C ASP A 17 -9.88 21.69 10.33
N GLN A 18 -9.26 22.28 11.35
CA GLN A 18 -7.87 22.65 11.35
C GLN A 18 -7.09 21.37 11.60
N ALA A 19 -5.99 21.14 10.93
CA ALA A 19 -5.26 19.94 11.21
C ALA A 19 -3.85 20.38 11.42
N SER A 20 -3.16 19.57 12.20
CA SER A 20 -1.83 19.89 12.53
C SER A 20 -1.10 18.57 12.64
N ILE A 21 -0.25 18.38 11.63
CA ILE A 21 0.61 17.23 11.55
C ILE A 21 1.82 17.69 12.37
N SER A 22 2.64 16.80 12.93
CA SER A 22 3.81 17.18 13.65
C SER A 22 4.90 16.14 13.49
N CYS A 23 6.17 16.53 13.64
CA CYS A 23 7.30 15.68 13.29
C CYS A 23 8.43 15.96 14.27
N ARG A 24 9.37 15.02 14.60
CA ARG A 24 10.44 15.29 15.57
C ARG A 24 11.76 14.73 15.10
N SER A 25 12.86 15.46 15.28
CA SER A 25 14.16 15.07 14.72
C SER A 25 15.08 14.45 15.74
N SER A 26 16.05 13.56 15.47
CA SER A 26 16.80 12.99 16.59
C SER A 26 18.16 13.60 16.84
N GLN A 27 18.29 14.80 16.26
CA GLN A 27 19.48 15.65 16.32
C GLN A 27 18.94 17.04 16.07
N SER A 28 19.74 18.08 16.23
CA SER A 28 19.28 19.39 15.84
C SER A 28 19.37 19.45 14.32
N LEU A 29 18.52 20.28 13.79
CA LEU A 29 18.44 20.55 12.37
C LEU A 29 18.90 21.98 12.09
N ILE A 30 19.52 22.59 13.10
CA ILE A 30 20.21 23.83 12.84
C ILE A 30 21.57 23.38 12.31
N HIS A 31 21.90 23.95 11.14
CA HIS A 31 23.15 23.74 10.42
C HIS A 31 24.15 24.79 10.91
N SER A 32 25.45 24.48 10.72
CA SER A 32 26.55 25.42 10.96
C SER A 32 26.28 26.77 10.26
N ASN A 33 25.73 26.75 9.01
CA ASN A 33 25.48 28.01 8.36
C ASN A 33 24.20 28.70 8.76
N GLY A 34 23.70 28.34 9.95
CA GLY A 34 22.56 29.00 10.57
C GLY A 34 21.23 28.72 9.92
N ASN A 35 21.00 27.57 9.30
CA ASN A 35 19.72 27.39 8.64
C ASN A 35 19.21 26.00 8.88
N THR A 36 17.88 25.89 8.94
CA THR A 36 17.23 24.61 9.20
C THR A 36 16.69 23.99 7.94
N TYR A 37 17.10 22.79 7.57
CA TYR A 37 16.55 22.22 6.36
C TYR A 37 15.57 21.14 6.74
N LEU A 38 14.37 21.55 7.13
CA LEU A 38 13.35 20.58 7.42
C LEU A 38 12.37 20.96 6.36
N HIS A 39 12.04 19.94 5.56
CA HIS A 39 11.09 20.08 4.43
C HIS A 39 9.98 19.05 4.65
N TRP A 40 8.79 19.36 4.17
CA TRP A 40 7.58 18.57 4.26
C TRP A 40 7.11 18.19 2.85
N TYR A 41 6.63 16.96 2.58
CA TYR A 41 6.09 16.54 1.28
C TYR A 41 4.67 16.09 1.36
N LEU A 42 3.83 16.16 0.30
CA LEU A 42 2.57 15.42 0.24
C LEU A 42 2.56 14.25 -0.79
N GLN A 43 2.27 12.99 -0.50
CA GLN A 43 2.20 11.87 -1.50
C GLN A 43 0.76 11.34 -1.61
N LYS A 44 -0.04 11.89 -2.52
CA LYS A 44 -1.39 11.39 -2.77
C LYS A 44 -1.37 10.03 -3.50
N PRO A 45 -2.43 9.22 -3.61
CA PRO A 45 -2.32 7.78 -3.86
C PRO A 45 -1.66 7.25 -5.13
N GLY A 46 -0.78 6.26 -4.91
CA GLY A 46 0.10 5.74 -5.94
C GLY A 46 0.84 6.89 -6.70
N GLN A 47 1.42 7.94 -6.08
CA GLN A 47 2.01 9.05 -6.83
C GLN A 47 3.35 9.45 -6.30
N SER A 48 4.01 10.43 -6.92
CA SER A 48 5.25 11.04 -6.41
C SER A 48 4.96 11.81 -5.11
N PRO A 49 5.94 11.90 -4.21
CA PRO A 49 6.01 12.98 -3.24
C PRO A 49 6.01 14.35 -3.88
N LYS A 50 5.68 15.42 -3.17
CA LYS A 50 5.57 16.77 -3.73
C LYS A 50 6.00 17.76 -2.65
N LEU A 51 7.04 18.58 -2.92
CA LEU A 51 7.56 19.53 -1.96
C LEU A 51 6.40 20.46 -1.71
N LEU A 52 6.21 20.61 -0.39
CA LEU A 52 5.17 21.48 0.16
C LEU A 52 5.73 22.71 0.83
N MET A 53 6.86 22.51 1.53
CA MET A 53 7.46 23.55 2.35
C MET A 53 8.93 23.37 2.43
N TYR A 54 9.69 24.42 2.10
CA TYR A 54 11.14 24.41 2.34
C TYR A 54 11.49 25.25 3.57
N LYS A 55 12.52 24.72 4.25
CA LYS A 55 13.13 25.25 5.45
C LYS A 55 12.13 25.86 6.38
N VAL A 56 11.57 24.90 7.10
CA VAL A 56 10.55 25.08 8.12
C VAL A 56 9.41 26.00 7.76
N SER A 57 9.44 27.24 7.32
CA SER A 57 8.19 27.96 7.20
C SER A 57 7.85 28.55 5.84
N ASN A 58 8.40 28.04 4.74
CA ASN A 58 8.18 28.65 3.44
C ASN A 58 7.32 27.84 2.49
N ARG A 59 6.14 28.35 2.10
CA ARG A 59 5.32 27.62 1.12
C ARG A 59 6.13 27.28 -0.16
N PHE A 60 5.98 26.16 -0.87
CA PHE A 60 6.65 26.10 -2.15
C PHE A 60 5.65 26.67 -3.12
N TYR A 61 5.94 26.73 -4.43
CA TYR A 61 4.99 27.41 -5.31
C TYR A 61 3.78 26.55 -5.58
N GLY A 62 2.61 27.17 -5.57
CA GLY A 62 1.36 26.44 -5.70
C GLY A 62 0.75 26.43 -4.30
N VAL A 63 1.38 25.66 -3.35
CA VAL A 63 0.95 25.49 -1.96
C VAL A 63 0.16 26.70 -1.46
N PRO A 64 -1.07 26.55 -0.91
CA PRO A 64 -1.91 27.69 -0.58
C PRO A 64 -1.70 28.21 0.80
N ASP A 65 -2.19 29.45 0.93
CA ASP A 65 -2.07 30.29 2.13
C ASP A 65 -2.49 29.59 3.42
N ARG A 66 -3.30 28.54 3.19
CA ARG A 66 -3.84 27.59 4.13
C ARG A 66 -2.79 26.74 4.86
N PHE A 67 -1.49 26.71 4.52
CA PHE A 67 -0.52 25.84 5.21
C PHE A 67 0.59 26.60 6.01
N SER A 68 1.04 26.10 7.17
CA SER A 68 2.07 26.77 7.94
C SER A 68 3.07 25.76 8.39
N GLY A 69 4.26 26.24 8.70
CA GLY A 69 5.31 25.39 9.19
C GLY A 69 6.00 26.11 10.33
N SER A 70 6.44 25.41 11.38
CA SER A 70 7.07 26.06 12.48
C SER A 70 7.91 25.07 13.28
N GLY A 71 8.51 25.52 14.37
CA GLY A 71 9.29 24.68 15.22
C GLY A 71 10.74 25.16 15.23
N SER A 72 11.58 24.53 16.04
CA SER A 72 12.96 24.80 16.05
C SER A 72 13.67 23.59 16.63
N GLY A 73 14.94 23.48 16.25
CA GLY A 73 15.90 22.52 16.76
C GLY A 73 15.49 21.12 16.49
N THR A 74 14.59 20.64 17.31
CA THR A 74 14.20 19.28 17.09
C THR A 74 12.70 19.12 16.92
N ASP A 75 11.89 20.15 17.00
CA ASP A 75 10.48 19.96 16.94
C ASP A 75 9.74 20.78 15.96
N PHE A 76 8.92 20.24 15.06
CA PHE A 76 8.26 21.01 14.02
C PHE A 76 6.81 20.60 13.81
N THR A 77 6.00 21.43 13.16
CA THR A 77 4.58 21.21 13.00
C THR A 77 4.08 21.77 11.70
N LEU A 78 3.36 20.95 10.96
CA LEU A 78 2.73 21.39 9.73
C LEU A 78 1.28 21.66 10.11
N LYS A 79 0.67 22.72 9.59
CA LYS A 79 -0.68 23.07 9.97
C LYS A 79 -1.54 23.49 8.77
N ILE A 80 -2.67 22.87 8.56
CA ILE A 80 -3.56 23.22 7.46
C ILE A 80 -4.73 23.99 8.13
N SER A 81 -5.17 25.18 7.71
CA SER A 81 -6.30 25.83 8.36
C SER A 81 -7.65 25.12 8.14
N ARG A 82 -8.28 25.28 6.96
CA ARG A 82 -9.53 24.62 6.66
C ARG A 82 -9.05 23.39 5.91
N VAL A 83 -9.01 22.16 6.43
CA VAL A 83 -8.59 21.04 5.61
C VAL A 83 -9.60 20.84 4.48
N GLU A 84 -9.30 20.44 3.24
CA GLU A 84 -10.29 20.20 2.15
C GLU A 84 -10.07 18.86 1.48
N ALA A 85 -10.99 18.34 0.67
CA ALA A 85 -10.80 17.08 -0.01
C ALA A 85 -9.47 16.95 -0.78
N GLU A 86 -8.88 18.04 -1.32
CA GLU A 86 -7.64 17.97 -2.07
C GLU A 86 -6.37 17.81 -1.25
N ASP A 87 -6.37 17.82 0.08
CA ASP A 87 -5.13 17.63 0.82
C ASP A 87 -5.06 16.21 1.34
N LEU A 88 -6.04 15.32 1.22
CA LEU A 88 -5.93 13.99 1.82
C LEU A 88 -4.77 13.27 1.18
N GLY A 89 -3.82 12.77 1.95
CA GLY A 89 -2.67 12.06 1.43
C GLY A 89 -1.77 11.76 2.61
N ILE A 90 -0.54 11.27 2.42
CA ILE A 90 0.44 11.03 3.49
C ILE A 90 1.38 12.23 3.48
N TYR A 91 1.61 12.83 4.64
CA TYR A 91 2.53 13.95 4.79
C TYR A 91 3.77 13.37 5.42
N PHE A 92 4.92 13.51 4.80
CA PHE A 92 6.19 13.04 5.32
C PHE A 92 7.09 14.23 5.60
N CYS A 93 8.09 14.09 6.44
CA CYS A 93 9.02 15.17 6.73
C CYS A 93 10.41 14.62 6.53
N SER A 94 11.22 15.41 5.86
CA SER A 94 12.61 15.05 5.71
C SER A 94 13.53 16.18 6.15
N GLN A 95 14.77 15.84 6.42
CA GLN A 95 15.72 16.83 6.81
C GLN A 95 16.92 16.84 5.87
N SER A 96 17.47 17.94 5.37
CA SER A 96 18.79 17.80 4.75
C SER A 96 19.94 18.44 5.54
N SER A 97 19.68 18.90 6.79
CA SER A 97 20.68 19.55 7.63
C SER A 97 21.82 18.59 7.93
N HIS A 98 21.64 17.28 7.92
CA HIS A 98 22.76 16.38 8.14
C HIS A 98 22.81 15.38 7.03
N VAL A 99 23.98 14.83 6.67
CA VAL A 99 24.18 13.85 5.58
C VAL A 99 23.82 12.50 6.14
N PRO A 100 23.22 11.48 5.53
CA PRO A 100 22.41 11.56 4.32
C PRO A 100 21.10 12.17 4.69
N PRO A 101 20.32 12.80 3.79
CA PRO A 101 18.90 13.09 4.09
C PRO A 101 18.12 11.85 4.61
N THR A 102 17.13 12.14 5.45
CA THR A 102 16.27 11.12 6.01
C THR A 102 14.82 11.64 5.93
N PHE A 103 13.89 10.68 5.82
CA PHE A 103 12.45 10.96 5.80
C PHE A 103 11.84 10.48 7.11
N GLY A 104 10.59 10.80 7.35
CA GLY A 104 9.88 10.25 8.49
C GLY A 104 8.77 9.36 7.98
N GLY A 105 8.23 8.42 8.75
CA GLY A 105 7.20 7.52 8.25
C GLY A 105 5.90 8.09 7.69
N GLY A 106 5.67 9.39 7.80
CA GLY A 106 4.44 9.97 7.32
C GLY A 106 3.33 9.77 8.32
N THR A 107 2.30 10.61 8.12
CA THR A 107 1.05 10.44 8.81
C THR A 107 0.04 10.69 7.68
N LYS A 108 -0.95 9.79 7.49
CA LYS A 108 -1.96 9.93 6.41
C LYS A 108 -3.15 10.70 6.93
N LEU A 109 -3.68 11.61 6.13
CA LEU A 109 -4.82 12.38 6.57
C LEU A 109 -5.95 11.52 6.09
N GLU A 110 -6.79 11.18 7.07
CA GLU A 110 -7.93 10.29 6.91
C GLU A 110 -9.28 10.98 7.11
N ILE A 111 -10.43 10.59 6.53
CA ILE A 111 -11.67 11.24 6.93
C ILE A 111 -12.19 10.66 8.24
N LYS A 112 -12.70 11.56 9.06
CA LYS A 112 -13.27 11.22 10.36
C LYS A 112 -14.70 10.86 10.10
N ARG A 113 -15.06 9.77 10.74
CA ARG A 113 -16.47 9.37 10.79
C ARG A 113 -16.77 8.27 11.84
N ALA A 114 -18.10 8.30 12.02
CA ALA A 114 -18.92 7.45 12.87
C ALA A 114 -18.63 5.96 13.03
N ASP A 115 -18.16 5.58 14.23
CA ASP A 115 -17.84 4.19 14.54
C ASP A 115 -18.74 3.18 13.89
N ALA A 116 -18.13 2.23 13.18
CA ALA A 116 -18.90 1.18 12.54
C ALA A 116 -18.37 -0.13 13.04
N ALA A 117 -19.24 -1.13 13.00
CA ALA A 117 -18.90 -2.48 13.43
C ALA A 117 -18.78 -3.37 12.17
N PRO A 118 -17.91 -4.42 12.28
CA PRO A 118 -17.59 -5.34 11.22
C PRO A 118 -18.81 -6.11 10.79
N THR A 119 -19.27 -6.15 9.55
CA THR A 119 -20.28 -7.09 9.19
C THR A 119 -19.43 -8.33 8.95
N VAL A 120 -19.18 -9.19 9.96
CA VAL A 120 -18.39 -10.44 9.74
C VAL A 120 -19.15 -11.59 9.03
N SER A 121 -18.58 -12.29 8.03
CA SER A 121 -19.20 -13.39 7.30
C SER A 121 -18.12 -14.43 7.13
N ILE A 122 -18.42 -15.71 7.39
CA ILE A 122 -17.46 -16.82 7.36
C ILE A 122 -17.86 -17.96 6.41
N PHE A 123 -16.89 -18.44 5.61
CA PHE A 123 -17.10 -19.39 4.51
C PHE A 123 -16.21 -20.62 4.58
N PRO A 124 -16.73 -21.85 4.41
CA PRO A 124 -15.95 -23.08 4.35
C PRO A 124 -15.32 -23.47 2.99
N PRO A 125 -14.18 -24.17 2.94
CA PRO A 125 -13.44 -24.52 1.76
C PRO A 125 -14.24 -25.38 0.80
N SER A 126 -14.76 -24.72 -0.23
CA SER A 126 -15.58 -25.33 -1.25
C SER A 126 -15.00 -26.59 -1.84
N SER A 127 -15.96 -27.24 -2.43
CA SER A 127 -15.87 -28.44 -3.27
C SER A 127 -14.70 -28.41 -4.25
N GLU A 128 -14.66 -27.36 -5.11
CA GLU A 128 -13.57 -27.21 -6.07
C GLU A 128 -12.18 -27.28 -5.39
N GLN A 129 -11.94 -26.50 -4.32
CA GLN A 129 -10.67 -26.50 -3.63
C GLN A 129 -10.39 -27.82 -2.98
N LEU A 130 -11.36 -28.43 -2.35
CA LEU A 130 -11.13 -29.68 -1.62
C LEU A 130 -10.57 -30.80 -2.48
N THR A 131 -11.13 -30.86 -3.70
CA THR A 131 -10.68 -31.78 -4.73
C THR A 131 -9.20 -31.52 -4.89
N SER A 132 -8.67 -30.33 -5.11
CA SER A 132 -7.25 -30.21 -5.28
C SER A 132 -6.44 -30.54 -4.06
N GLY A 133 -7.00 -30.79 -2.89
CA GLY A 133 -6.20 -31.14 -1.71
C GLY A 133 -5.86 -29.99 -0.74
N GLY A 134 -6.28 -28.78 -1.03
CA GLY A 134 -6.01 -27.70 -0.11
C GLY A 134 -7.33 -27.37 0.47
N ALA A 135 -7.40 -26.32 1.29
CA ALA A 135 -8.64 -25.91 1.94
C ALA A 135 -8.43 -24.57 2.67
N SER A 136 -8.96 -23.49 2.12
CA SER A 136 -8.82 -22.19 2.74
C SER A 136 -10.14 -21.89 3.41
N VAL A 137 -10.21 -21.39 4.65
CA VAL A 137 -11.48 -20.93 5.17
C VAL A 137 -11.33 -19.41 5.13
N VAL A 138 -12.38 -18.63 4.89
CA VAL A 138 -12.27 -17.19 4.68
C VAL A 138 -13.35 -16.48 5.48
N CYS A 139 -12.91 -15.45 6.21
CA CYS A 139 -13.80 -14.60 6.98
C CYS A 139 -13.75 -13.20 6.36
N PHE A 140 -14.82 -12.58 5.84
CA PHE A 140 -14.74 -11.19 5.42
C PHE A 140 -15.20 -10.45 6.67
N LEU A 141 -14.38 -9.45 7.00
CA LEU A 141 -14.55 -8.60 8.17
C LEU A 141 -14.83 -7.24 7.58
N ASN A 142 -16.06 -6.88 7.33
CA ASN A 142 -16.30 -5.69 6.56
C ASN A 142 -16.95 -4.49 7.21
N ASN A 143 -16.76 -3.38 6.51
CA ASN A 143 -17.30 -2.06 6.77
C ASN A 143 -17.27 -1.46 8.14
N PHE A 144 -16.11 -1.54 8.76
CA PHE A 144 -15.93 -1.04 10.10
C PHE A 144 -15.16 0.29 10.22
N TYR A 145 -15.17 0.98 11.36
CA TYR A 145 -14.38 2.18 11.67
C TYR A 145 -14.18 2.10 13.19
N PRO A 146 -13.03 2.47 13.80
CA PRO A 146 -11.75 2.64 13.17
C PRO A 146 -11.03 1.35 12.74
N LYS A 147 -9.97 1.68 11.99
CA LYS A 147 -8.95 0.80 11.48
C LYS A 147 -8.50 -0.38 12.35
N ASP A 148 -8.13 -0.40 13.63
CA ASP A 148 -7.69 -1.64 14.28
C ASP A 148 -8.83 -2.58 14.38
N ILE A 149 -8.47 -3.84 14.38
CA ILE A 149 -9.43 -4.90 14.51
C ILE A 149 -8.56 -6.10 14.84
N ASN A 150 -8.93 -7.12 15.62
CA ASN A 150 -7.95 -8.18 15.76
C ASN A 150 -8.57 -9.51 15.45
N VAL A 151 -7.90 -10.25 14.58
CA VAL A 151 -8.40 -11.51 14.09
C VAL A 151 -7.87 -12.54 15.02
N LYS A 152 -8.75 -13.48 15.37
CA LYS A 152 -8.39 -14.55 16.25
C LYS A 152 -9.12 -15.72 15.53
N TRP A 153 -8.32 -16.63 14.97
CA TRP A 153 -8.81 -17.79 14.28
C TRP A 153 -8.71 -18.93 15.27
N LYS A 154 -9.84 -19.30 15.88
CA LYS A 154 -9.85 -20.51 16.74
C LYS A 154 -10.70 -21.68 16.15
N ILE A 155 -9.92 -22.71 15.88
CA ILE A 155 -10.45 -23.92 15.21
C ILE A 155 -11.19 -24.85 16.17
N ASP A 156 -10.90 -24.95 17.46
CA ASP A 156 -11.74 -25.78 18.32
C ASP A 156 -11.56 -25.09 19.68
N GLY A 157 -10.42 -25.38 20.27
CA GLY A 157 -9.93 -24.84 21.53
C GLY A 157 -8.62 -24.27 20.96
N SER A 158 -7.73 -25.22 20.56
CA SER A 158 -6.51 -24.82 19.91
C SER A 158 -6.77 -23.83 18.76
N GLU A 159 -6.31 -22.58 19.02
CA GLU A 159 -6.33 -21.52 18.01
C GLU A 159 -5.07 -21.66 17.16
N ARG A 160 -5.25 -21.36 15.87
CA ARG A 160 -4.22 -21.41 14.85
C ARG A 160 -3.57 -20.04 14.81
N GLN A 161 -2.28 -20.20 14.57
CA GLN A 161 -1.37 -19.09 14.50
C GLN A 161 -0.85 -19.13 13.07
N ASN A 162 -0.07 -20.18 12.87
CA ASN A 162 0.73 -20.33 11.69
C ASN A 162 0.17 -20.56 10.28
N GLY A 163 -1.00 -20.02 9.84
CA GLY A 163 -1.45 -20.20 8.44
C GLY A 163 -2.28 -19.00 7.91
N VAL A 164 -2.28 -17.87 8.63
CA VAL A 164 -3.08 -16.69 8.26
C VAL A 164 -2.49 -15.73 7.19
N LEU A 165 -3.38 -15.20 6.34
CA LEU A 165 -3.05 -14.15 5.41
C LEU A 165 -4.25 -13.21 5.52
N ASN A 166 -4.00 -12.06 6.14
CA ASN A 166 -5.04 -11.08 6.40
C ASN A 166 -4.77 -9.91 5.48
N SER A 167 -5.72 -9.13 4.97
CA SER A 167 -5.41 -8.02 4.07
C SER A 167 -6.32 -6.87 4.43
N TRP A 168 -6.39 -5.78 3.68
CA TRP A 168 -6.98 -4.58 4.20
C TRP A 168 -7.33 -3.67 3.04
N THR A 169 -8.35 -2.86 3.07
CA THR A 169 -8.67 -1.96 1.98
C THR A 169 -8.25 -0.58 2.47
N ASP A 170 -7.95 0.42 1.63
CA ASP A 170 -7.69 1.75 2.17
C ASP A 170 -9.08 2.30 2.38
N GLN A 171 -9.22 3.40 3.09
CA GLN A 171 -10.53 3.97 3.32
C GLN A 171 -11.34 4.06 2.02
N ASP A 172 -12.51 3.41 2.21
CA ASP A 172 -13.53 3.24 1.21
C ASP A 172 -13.98 4.62 0.88
N SER A 173 -13.92 5.07 -0.35
CA SER A 173 -14.25 6.45 -0.74
C SER A 173 -15.65 6.95 -0.48
N LYS A 174 -16.58 5.97 -0.57
CA LYS A 174 -18.01 6.28 -0.67
C LYS A 174 -18.78 6.61 0.62
N ASP A 175 -18.53 5.89 1.71
CA ASP A 175 -19.07 6.18 3.00
C ASP A 175 -17.98 5.68 4.04
N SER A 176 -16.72 6.01 3.75
CA SER A 176 -15.56 5.94 4.61
C SER A 176 -15.37 5.04 5.77
N THR A 177 -15.10 3.79 5.44
CA THR A 177 -14.97 2.68 6.39
C THR A 177 -13.74 1.92 5.96
N TYR A 178 -13.59 0.74 6.47
CA TYR A 178 -12.53 -0.13 6.02
C TYR A 178 -13.12 -1.54 5.93
N SER A 179 -12.51 -2.40 5.13
CA SER A 179 -12.95 -3.75 5.14
C SER A 179 -11.65 -4.51 5.25
N MET A 180 -11.74 -5.74 5.69
CA MET A 180 -10.62 -6.61 5.90
C MET A 180 -11.09 -8.00 5.53
N SER A 181 -10.13 -8.91 5.31
CA SER A 181 -10.45 -10.27 5.06
C SER A 181 -9.38 -11.12 5.66
N SER A 182 -9.75 -11.93 6.64
CA SER A 182 -8.82 -12.94 7.06
C SER A 182 -9.01 -14.20 6.15
N THR A 183 -8.02 -15.09 5.99
CA THR A 183 -8.11 -16.24 5.11
C THR A 183 -7.12 -17.23 5.73
N LEU A 184 -7.64 -18.26 6.37
CA LEU A 184 -6.83 -19.29 6.99
C LEU A 184 -6.65 -20.34 5.95
N THR A 185 -5.49 -20.92 5.67
CA THR A 185 -5.40 -21.98 4.68
C THR A 185 -4.74 -23.22 5.24
N LEU A 186 -5.32 -24.35 4.86
CA LEU A 186 -5.00 -25.63 5.41
C LEU A 186 -4.84 -26.52 4.23
N THR A 187 -4.22 -27.68 4.57
CA THR A 187 -4.29 -28.75 3.60
C THR A 187 -5.66 -29.34 3.91
N LYS A 188 -6.35 -29.80 2.85
CA LYS A 188 -7.68 -30.44 2.88
C LYS A 188 -7.79 -31.39 4.05
N ASP A 189 -6.72 -32.19 4.19
CA ASP A 189 -6.58 -33.21 5.22
C ASP A 189 -6.70 -32.58 6.63
N GLU A 190 -5.78 -31.73 7.19
CA GLU A 190 -5.94 -31.16 8.53
C GLU A 190 -7.33 -30.61 8.84
N TYR A 191 -7.74 -29.94 7.76
CA TYR A 191 -9.05 -29.39 7.71
C TYR A 191 -10.09 -30.49 8.00
N GLU A 192 -10.18 -31.64 7.31
CA GLU A 192 -11.21 -32.61 7.70
C GLU A 192 -10.82 -33.39 8.99
N ARG A 193 -10.19 -32.72 9.97
CA ARG A 193 -9.96 -33.39 11.24
C ARG A 193 -9.92 -32.36 12.37
N HIS A 194 -11.00 -31.55 12.28
CA HIS A 194 -11.39 -30.57 13.26
C HIS A 194 -12.84 -30.28 12.97
N ASN A 195 -13.79 -30.04 13.90
CA ASN A 195 -15.07 -29.70 13.34
C ASN A 195 -15.32 -28.21 13.50
N SER A 196 -14.87 -27.37 14.44
CA SER A 196 -15.33 -25.97 14.41
C SER A 196 -14.40 -24.93 13.77
N TYR A 197 -14.89 -23.80 13.26
CA TYR A 197 -14.04 -22.74 12.77
C TYR A 197 -14.79 -21.47 13.09
N THR A 198 -14.23 -20.68 14.02
CA THR A 198 -14.78 -19.40 14.47
C THR A 198 -13.78 -18.28 14.14
N CYS A 199 -14.34 -17.22 13.56
CA CYS A 199 -13.63 -16.02 13.18
C CYS A 199 -13.90 -15.16 14.39
N GLU A 200 -13.04 -15.18 15.45
CA GLU A 200 -13.27 -14.26 16.56
C GLU A 200 -12.61 -12.94 16.13
N ALA A 201 -13.46 -11.90 15.92
CA ALA A 201 -13.10 -10.50 15.59
C ALA A 201 -13.27 -9.46 16.71
N THR A 202 -12.18 -8.86 17.24
CA THR A 202 -12.10 -7.94 18.40
C THR A 202 -11.93 -6.43 18.05
N HIS A 203 -12.97 -5.76 17.62
CA HIS A 203 -12.95 -4.36 17.25
C HIS A 203 -13.48 -3.58 18.45
N LYS A 204 -13.01 -2.35 18.78
CA LYS A 204 -13.47 -1.61 19.97
C LYS A 204 -14.88 -1.11 19.67
N THR A 205 -15.86 -1.95 19.98
CA THR A 205 -17.25 -1.70 19.73
C THR A 205 -17.97 -2.80 20.51
N SER A 206 -18.14 -3.94 19.90
CA SER A 206 -18.95 -5.00 20.45
C SER A 206 -18.10 -5.78 21.47
N THR A 207 -18.36 -5.39 22.73
CA THR A 207 -17.71 -5.96 23.91
C THR A 207 -17.99 -7.48 24.08
N SER A 208 -18.86 -8.06 23.24
CA SER A 208 -18.76 -9.49 23.13
C SER A 208 -18.01 -9.44 21.78
N PRO A 209 -16.65 -9.49 21.75
CA PRO A 209 -15.87 -9.67 20.54
C PRO A 209 -16.65 -10.61 19.60
N ILE A 210 -16.96 -10.07 18.41
CA ILE A 210 -17.86 -10.73 17.49
C ILE A 210 -17.27 -11.93 16.79
N VAL A 211 -17.93 -13.00 17.18
CA VAL A 211 -17.64 -14.37 16.78
C VAL A 211 -18.63 -15.05 15.81
N LYS A 212 -18.12 -15.58 14.66
CA LYS A 212 -18.95 -16.31 13.68
C LYS A 212 -18.28 -17.59 13.28
N SER A 213 -19.06 -18.66 13.41
CA SER A 213 -18.54 -19.98 13.14
C SER A 213 -19.46 -20.82 12.27
N PHE A 214 -18.81 -21.87 11.79
CA PHE A 214 -19.43 -22.96 11.06
C PHE A 214 -18.70 -24.14 11.68
N ASN A 215 -19.42 -25.21 11.85
CA ASN A 215 -18.76 -26.37 12.37
C ASN A 215 -19.07 -27.37 11.23
N ARG A 216 -17.96 -27.81 10.63
CA ARG A 216 -17.82 -28.74 9.52
C ARG A 216 -18.92 -29.80 9.39
N GLN B 1 7.15 21.92 -19.40
CA GLN B 1 6.44 21.14 -18.41
C GLN B 1 7.73 20.45 -18.01
N ILE B 2 8.34 20.94 -16.93
CA ILE B 2 9.67 20.49 -16.56
C ILE B 2 9.51 19.17 -15.87
N GLN B 3 10.08 18.11 -16.46
CA GLN B 3 9.84 16.73 -16.04
C GLN B 3 11.05 15.88 -15.81
N LEU B 4 10.88 14.81 -15.06
CA LEU B 4 11.94 13.88 -14.84
C LEU B 4 11.19 12.64 -15.29
N VAL B 5 11.44 12.04 -16.44
CA VAL B 5 10.61 10.93 -16.90
C VAL B 5 11.39 9.63 -16.79
N GLN B 6 10.68 8.61 -16.30
CA GLN B 6 11.25 7.34 -15.95
C GLN B 6 10.67 6.16 -16.74
N SER B 7 11.55 5.17 -16.88
CA SER B 7 11.23 3.99 -17.62
C SER B 7 10.12 3.18 -16.98
N GLY B 8 9.88 1.97 -17.50
CA GLY B 8 8.77 1.16 -17.07
C GLY B 8 9.01 0.26 -15.88
N PRO B 9 7.95 -0.46 -15.51
CA PRO B 9 7.91 -1.50 -14.48
C PRO B 9 8.78 -2.59 -15.01
N GLU B 10 9.55 -3.24 -14.14
CA GLU B 10 10.54 -4.22 -14.51
C GLU B 10 10.31 -5.44 -13.66
N LEU B 11 10.35 -6.66 -14.16
CA LEU B 11 10.11 -7.84 -13.34
C LEU B 11 11.25 -8.81 -13.56
N LYS B 12 12.16 -9.02 -12.61
CA LYS B 12 13.36 -9.85 -12.82
C LYS B 12 13.41 -10.91 -11.75
N LYS B 13 14.09 -12.02 -12.03
CA LYS B 13 14.32 -13.09 -11.08
C LYS B 13 15.41 -12.60 -10.11
N PRO B 14 15.83 -13.24 -9.03
CA PRO B 14 17.15 -13.04 -8.46
C PRO B 14 18.26 -13.04 -9.50
N GLY B 15 19.39 -12.42 -9.24
CA GLY B 15 20.61 -12.54 -10.04
C GLY B 15 20.75 -11.90 -11.39
N GLU B 16 19.76 -11.24 -12.03
CA GLU B 16 19.99 -10.41 -13.21
C GLU B 16 20.04 -8.93 -12.74
N THR B 17 20.37 -7.93 -13.57
CA THR B 17 20.56 -6.55 -13.14
C THR B 17 19.48 -5.67 -13.73
N VAL B 18 19.35 -4.38 -13.45
CA VAL B 18 18.27 -3.52 -13.97
C VAL B 18 18.77 -2.09 -14.19
N LYS B 19 18.33 -1.38 -15.21
CA LYS B 19 18.90 -0.09 -15.45
C LYS B 19 17.78 0.92 -15.61
N ILE B 20 17.45 1.67 -14.59
CA ILE B 20 16.31 2.57 -14.65
C ILE B 20 16.81 3.83 -15.34
N SER B 21 16.01 4.38 -16.25
CA SER B 21 16.34 5.62 -16.87
C SER B 21 15.59 6.72 -16.10
N CYS B 22 16.12 7.95 -16.17
CA CYS B 22 15.58 9.14 -15.55
C CYS B 22 16.09 10.27 -16.42
N LYS B 23 15.20 10.76 -17.27
CA LYS B 23 15.48 11.75 -18.30
C LYS B 23 14.83 13.05 -17.91
N ALA B 24 15.65 14.05 -17.72
CA ALA B 24 15.17 15.35 -17.37
C ALA B 24 14.80 16.07 -18.67
N SER B 25 13.83 16.98 -18.66
CA SER B 25 13.57 17.73 -19.86
C SER B 25 13.18 19.10 -19.39
N GLY B 26 13.78 20.16 -19.94
CA GLY B 26 13.26 21.51 -19.66
C GLY B 26 13.98 22.27 -18.56
N TYR B 27 15.18 21.83 -18.29
CA TYR B 27 15.92 22.44 -17.25
C TYR B 27 17.35 22.03 -17.54
N ALA B 28 18.14 23.03 -17.14
CA ALA B 28 19.58 23.02 -17.23
C ALA B 28 19.95 21.93 -16.28
N PHE B 29 20.17 20.77 -16.85
CA PHE B 29 20.47 19.59 -16.09
C PHE B 29 21.60 19.73 -15.07
N THR B 30 22.65 20.44 -15.47
CA THR B 30 23.88 20.55 -14.72
C THR B 30 23.72 21.44 -13.50
N ASN B 31 22.69 22.25 -13.38
CA ASN B 31 22.56 23.13 -12.24
C ASN B 31 21.82 22.45 -11.14
N TYR B 32 21.39 21.20 -11.23
CA TYR B 32 20.71 20.53 -10.13
C TYR B 32 21.37 19.20 -9.75
N GLY B 33 21.06 18.44 -8.72
CA GLY B 33 21.68 17.11 -8.60
C GLY B 33 20.64 16.03 -8.91
N VAL B 34 20.95 14.78 -9.27
CA VAL B 34 19.83 13.87 -9.33
C VAL B 34 20.03 12.97 -8.13
N ASN B 35 18.96 12.79 -7.37
CA ASN B 35 18.93 11.95 -6.17
C ASN B 35 18.06 10.78 -6.49
N TRP B 36 18.34 9.62 -5.94
CA TRP B 36 17.52 8.43 -6.10
C TRP B 36 17.09 8.03 -4.70
N VAL B 37 15.80 7.91 -4.51
CA VAL B 37 15.17 7.59 -3.26
C VAL B 37 14.54 6.20 -3.54
N LYS B 38 14.37 5.26 -2.60
CA LYS B 38 13.69 4.03 -2.85
C LYS B 38 12.65 3.93 -1.75
N GLU B 39 11.46 3.62 -2.20
CA GLU B 39 10.31 3.48 -1.33
C GLU B 39 10.19 2.00 -1.17
N ALA B 40 10.33 1.35 -0.04
CA ALA B 40 10.15 -0.09 -0.05
C ALA B 40 8.80 -0.25 0.58
N PRO B 41 7.89 -1.12 0.11
CA PRO B 41 6.58 -1.35 0.73
C PRO B 41 6.60 -1.38 2.27
N GLY B 42 5.98 -0.45 2.98
CA GLY B 42 5.94 -0.54 4.43
C GLY B 42 7.22 -0.04 5.07
N LYS B 43 8.37 -0.10 4.37
CA LYS B 43 9.61 0.52 4.85
C LYS B 43 9.69 2.00 4.52
N GLU B 44 10.46 2.81 5.29
CA GLU B 44 10.62 4.23 4.95
C GLU B 44 11.35 4.39 3.61
N LEU B 45 11.11 5.57 3.08
CA LEU B 45 11.78 5.99 1.86
C LEU B 45 13.24 6.18 2.29
N LYS B 46 14.11 5.37 1.71
CA LYS B 46 15.55 5.47 1.92
C LYS B 46 16.04 6.38 0.81
N TRP B 47 16.77 7.45 1.08
CA TRP B 47 17.53 8.14 0.04
C TRP B 47 18.65 7.12 -0.22
N MET B 48 19.04 6.93 -1.47
CA MET B 48 20.04 5.95 -1.86
C MET B 48 21.38 6.62 -2.13
N GLY B 49 21.30 7.79 -2.78
CA GLY B 49 22.46 8.59 -3.08
C GLY B 49 22.12 9.59 -4.16
N TRP B 50 23.12 10.45 -4.41
CA TRP B 50 23.11 11.58 -5.36
C TRP B 50 24.27 11.55 -6.36
N ILE B 51 24.00 12.02 -7.55
CA ILE B 51 25.04 12.22 -8.55
C ILE B 51 25.11 13.73 -8.92
N ASN B 52 26.35 14.23 -8.78
CA ASN B 52 26.71 15.64 -9.05
C ASN B 52 26.98 15.65 -10.53
N ILE B 53 26.28 16.46 -11.27
CA ILE B 53 26.31 16.33 -12.70
C ILE B 53 27.35 17.13 -13.40
N TYR B 54 28.05 18.00 -12.69
CA TYR B 54 29.14 18.74 -13.31
C TYR B 54 30.23 17.67 -13.25
N THR B 55 30.85 17.55 -12.05
CA THR B 55 31.97 16.65 -11.85
C THR B 55 31.74 15.21 -12.29
N GLY B 56 30.49 14.70 -12.28
CA GLY B 56 30.15 13.30 -12.55
C GLY B 56 30.32 12.30 -11.36
N GLU B 57 30.57 12.66 -10.10
CA GLU B 57 30.86 11.62 -9.14
C GLU B 57 29.64 11.43 -8.25
N PRO B 58 29.28 10.13 -8.16
CA PRO B 58 28.37 9.52 -7.23
C PRO B 58 28.81 9.67 -5.83
N THR B 59 27.83 9.66 -4.93
CA THR B 59 28.06 9.66 -3.50
C THR B 59 27.01 8.64 -3.01
N TYR B 60 27.42 7.39 -2.92
CA TYR B 60 26.55 6.33 -2.43
C TYR B 60 26.17 6.42 -0.96
N VAL B 61 24.92 6.12 -0.51
CA VAL B 61 24.67 6.07 0.93
C VAL B 61 25.30 4.71 1.13
N ASP B 62 26.08 4.68 2.21
CA ASP B 62 26.95 3.57 2.62
C ASP B 62 26.29 2.16 2.48
N ASP B 63 25.03 2.15 2.94
CA ASP B 63 24.13 1.03 2.85
C ASP B 63 23.92 0.53 1.41
N PHE B 64 24.42 1.17 0.35
CA PHE B 64 24.17 0.71 -1.00
C PHE B 64 25.39 0.30 -1.82
N LYS B 65 26.55 0.11 -1.19
CA LYS B 65 27.79 -0.23 -1.92
C LYS B 65 27.82 -1.52 -2.76
N GLY B 66 28.49 -1.55 -3.90
CA GLY B 66 28.74 -2.83 -4.54
C GLY B 66 27.85 -3.19 -5.73
N ARG B 67 26.58 -3.42 -5.41
CA ARG B 67 25.60 -3.71 -6.45
C ARG B 67 25.01 -2.45 -7.07
N PHE B 68 24.89 -1.33 -6.34
CA PHE B 68 24.32 -0.09 -6.87
C PHE B 68 25.17 0.97 -7.59
N ALA B 69 25.00 1.05 -8.90
CA ALA B 69 25.74 1.97 -9.72
C ALA B 69 24.91 3.20 -10.05
N PHE B 70 25.54 4.38 -10.26
CA PHE B 70 24.86 5.57 -10.76
C PHE B 70 25.74 6.07 -11.91
N SER B 71 25.11 6.30 -13.07
CA SER B 71 25.79 6.74 -14.28
C SER B 71 24.94 7.74 -14.99
N LEU B 72 25.42 8.61 -15.87
CA LEU B 72 24.54 9.51 -16.60
C LEU B 72 24.96 9.70 -18.07
N GLU B 73 24.42 10.67 -18.81
CA GLU B 73 24.77 10.83 -20.21
C GLU B 73 24.17 12.18 -20.57
N THR B 74 24.91 13.24 -20.25
CA THR B 74 24.47 14.62 -20.39
C THR B 74 24.11 15.19 -21.77
N SER B 75 24.54 14.69 -22.93
CA SER B 75 23.92 15.12 -24.19
C SER B 75 22.51 14.59 -24.02
N ALA B 76 22.42 13.29 -23.84
CA ALA B 76 21.14 12.64 -23.60
C ALA B 76 20.28 13.13 -22.43
N SER B 77 20.83 13.96 -21.52
CA SER B 77 20.17 14.45 -20.32
C SER B 77 19.54 13.36 -19.43
N THR B 78 20.18 12.20 -19.41
CA THR B 78 19.65 11.12 -18.67
C THR B 78 20.60 10.64 -17.58
N ALA B 79 19.92 10.15 -16.53
CA ALA B 79 20.43 9.59 -15.28
C ALA B 79 20.06 8.10 -15.19
N TYR B 80 20.93 7.28 -14.61
CA TYR B 80 20.76 5.82 -14.56
C TYR B 80 21.12 5.28 -13.20
N LEU B 81 20.33 4.33 -12.75
CA LEU B 81 20.66 3.57 -11.57
C LEU B 81 20.61 2.18 -12.16
N GLU B 82 21.66 1.46 -11.86
CA GLU B 82 21.74 0.06 -12.23
C GLU B 82 21.97 -0.68 -10.94
N ILE B 83 21.06 -1.59 -10.68
CA ILE B 83 21.17 -2.44 -9.50
C ILE B 83 21.70 -3.70 -10.17
N ASN B 84 22.97 -4.03 -10.02
CA ASN B 84 23.45 -5.31 -10.52
C ASN B 84 22.84 -6.40 -9.65
N ASN B 85 22.85 -7.68 -10.09
CA ASN B 85 22.57 -8.83 -9.25
C ASN B 85 21.68 -8.73 -8.03
N LEU B 86 20.43 -8.61 -8.53
CA LEU B 86 19.18 -8.42 -7.81
C LEU B 86 18.78 -9.53 -6.86
N LYS B 87 18.25 -9.18 -5.71
CA LYS B 87 17.93 -10.15 -4.69
C LYS B 87 16.54 -9.67 -4.26
N ASN B 88 15.70 -10.60 -3.83
CA ASN B 88 14.32 -10.31 -3.51
C ASN B 88 14.03 -9.17 -2.54
N GLU B 89 14.88 -8.74 -1.55
CA GLU B 89 14.53 -7.61 -0.63
C GLU B 89 14.54 -6.27 -1.35
N ASP B 90 15.08 -6.13 -2.59
CA ASP B 90 15.10 -4.84 -3.35
C ASP B 90 13.79 -4.40 -4.00
N THR B 91 12.77 -5.26 -4.06
CA THR B 91 11.50 -4.96 -4.65
C THR B 91 10.84 -3.70 -4.13
N ALA B 92 11.23 -2.58 -4.73
CA ALA B 92 10.77 -1.26 -4.35
C ALA B 92 10.50 -0.38 -5.52
N THR B 93 9.93 0.78 -5.37
CA THR B 93 9.76 1.71 -6.46
C THR B 93 10.86 2.73 -6.22
N TYR B 94 11.51 3.09 -7.33
CA TYR B 94 12.67 3.96 -7.31
C TYR B 94 12.30 5.27 -7.91
N PHE B 95 12.59 6.34 -7.23
CA PHE B 95 12.29 7.67 -7.70
C PHE B 95 13.62 8.34 -7.94
N CYS B 96 13.67 9.26 -8.92
CA CYS B 96 14.79 10.11 -9.11
C CYS B 96 14.22 11.49 -8.89
N THR B 97 14.99 12.40 -8.30
CA THR B 97 14.57 13.78 -8.03
C THR B 97 15.62 14.83 -8.25
N ARG B 98 15.37 16.01 -8.85
CA ARG B 98 16.43 17.01 -8.89
C ARG B 98 16.44 17.68 -7.52
N GLY B 99 17.64 17.79 -6.96
CA GLY B 99 17.83 18.51 -5.72
C GLY B 99 18.30 19.92 -6.03
N ASP B 100 17.77 20.96 -5.39
CA ASP B 100 18.27 22.34 -5.53
C ASP B 100 19.44 22.78 -4.65
N TYR B 101 20.69 22.86 -5.12
CA TYR B 101 21.91 23.33 -4.45
C TYR B 101 21.80 24.44 -3.39
N VAL B 102 20.82 25.35 -3.46
CA VAL B 102 20.65 26.42 -2.49
C VAL B 102 19.81 25.83 -1.33
N ASN B 103 18.46 25.69 -1.45
CA ASN B 103 17.61 25.22 -0.34
C ASN B 103 17.65 23.74 -0.05
N TRP B 104 18.42 22.94 -0.78
CA TRP B 104 18.68 21.54 -0.49
C TRP B 104 17.54 20.55 -0.42
N TYR B 105 16.56 20.77 -1.26
CA TYR B 105 15.37 19.97 -1.30
C TYR B 105 15.21 19.31 -2.63
N PHE B 106 14.35 18.28 -2.66
CA PHE B 106 14.01 17.59 -3.89
C PHE B 106 12.73 18.21 -4.45
N ASP B 107 12.79 19.05 -5.49
CA ASP B 107 11.59 19.73 -5.88
C ASP B 107 10.88 19.23 -7.10
N VAL B 108 11.58 18.39 -7.86
CA VAL B 108 10.87 17.78 -8.96
C VAL B 108 11.18 16.31 -8.85
N TRP B 109 10.07 15.60 -8.75
CA TRP B 109 10.10 14.18 -8.56
C TRP B 109 9.77 13.42 -9.86
N GLY B 110 10.38 12.26 -10.05
CA GLY B 110 10.10 11.48 -11.20
C GLY B 110 9.00 10.52 -10.85
N ALA B 111 8.25 10.11 -11.87
CA ALA B 111 7.13 9.17 -11.79
C ALA B 111 7.40 7.91 -10.97
N GLY B 112 8.49 7.16 -11.06
CA GLY B 112 8.70 6.04 -10.16
C GLY B 112 8.96 4.79 -10.92
N THR B 113 9.76 3.83 -10.49
CA THR B 113 9.95 2.63 -11.26
C THR B 113 9.97 1.49 -10.30
N THR B 114 9.02 0.60 -10.53
CA THR B 114 8.80 -0.54 -9.70
C THR B 114 9.76 -1.62 -10.14
N VAL B 115 10.46 -2.37 -9.30
CA VAL B 115 11.22 -3.51 -9.77
C VAL B 115 10.60 -4.63 -8.98
N THR B 116 10.04 -5.63 -9.63
CA THR B 116 9.54 -6.77 -8.89
C THR B 116 10.56 -7.88 -9.10
N VAL B 117 11.05 -8.47 -8.00
CA VAL B 117 11.98 -9.58 -8.11
C VAL B 117 11.36 -10.85 -7.52
N SER B 118 11.19 -11.89 -8.33
CA SER B 118 10.57 -13.11 -7.92
C SER B 118 11.14 -14.29 -8.69
N SER B 119 11.31 -15.50 -8.17
CA SER B 119 11.80 -16.59 -9.04
C SER B 119 10.65 -17.23 -9.82
N ALA B 120 9.44 -16.79 -9.47
CA ALA B 120 8.22 -17.33 -9.99
C ALA B 120 7.99 -17.31 -11.49
N LYS B 121 7.08 -18.27 -11.77
CA LYS B 121 6.68 -18.53 -13.12
C LYS B 121 5.19 -18.24 -13.22
N THR B 122 4.77 -17.78 -14.40
CA THR B 122 3.43 -17.28 -14.67
C THR B 122 2.30 -18.28 -14.43
N THR B 123 1.59 -18.17 -13.33
CA THR B 123 0.54 -19.11 -13.03
C THR B 123 -0.83 -18.49 -13.23
N PRO B 124 -1.72 -19.25 -13.88
CA PRO B 124 -3.17 -19.07 -13.75
C PRO B 124 -3.78 -19.08 -12.33
N PRO B 125 -4.75 -18.23 -12.04
CA PRO B 125 -5.48 -18.29 -10.78
C PRO B 125 -6.38 -19.51 -10.70
N SER B 126 -6.66 -19.91 -9.46
CA SER B 126 -7.71 -20.87 -9.14
C SER B 126 -8.74 -19.98 -8.51
N VAL B 127 -9.93 -20.00 -9.07
CA VAL B 127 -10.99 -19.14 -8.62
C VAL B 127 -11.99 -20.04 -7.95
N TYR B 128 -12.18 -19.81 -6.68
CA TYR B 128 -13.09 -20.60 -5.91
C TYR B 128 -14.28 -19.76 -5.51
N PRO B 129 -15.54 -20.25 -5.56
CA PRO B 129 -16.76 -19.54 -5.18
C PRO B 129 -16.91 -19.59 -3.68
N LEU B 130 -17.20 -18.51 -2.98
CA LEU B 130 -17.32 -18.63 -1.55
C LEU B 130 -18.77 -18.28 -1.35
N ALA B 131 -19.61 -19.19 -0.86
CA ALA B 131 -21.03 -18.87 -0.62
C ALA B 131 -21.45 -19.24 0.81
N PRO B 132 -22.47 -18.64 1.43
CA PRO B 132 -22.87 -18.97 2.77
C PRO B 132 -23.17 -20.44 2.91
N GLY B 133 -22.45 -21.10 3.82
CA GLY B 133 -22.78 -22.48 4.20
C GLY B 133 -24.00 -22.51 5.16
N SER B 134 -25.18 -22.30 4.50
CA SER B 134 -26.48 -22.30 5.16
C SER B 134 -26.60 -21.08 6.11
N ALA B 135 -25.76 -20.05 5.90
CA ALA B 135 -25.66 -18.96 6.86
C ALA B 135 -26.66 -17.83 6.65
N ALA B 136 -27.48 -17.71 7.70
CA ALA B 136 -28.57 -16.78 7.67
C ALA B 136 -28.41 -15.43 8.34
N GLN B 137 -28.03 -15.26 9.64
CA GLN B 137 -27.98 -13.89 10.23
C GLN B 137 -26.87 -12.91 9.81
N THR B 138 -27.22 -12.40 8.66
CA THR B 138 -26.65 -11.22 8.03
C THR B 138 -27.88 -10.26 8.27
N ASN B 139 -28.39 -9.26 7.53
CA ASN B 139 -29.68 -8.61 7.94
C ASN B 139 -30.94 -8.85 7.04
N SER B 140 -30.65 -8.67 5.76
CA SER B 140 -31.47 -8.91 4.59
C SER B 140 -30.52 -8.60 3.43
N MET B 141 -29.22 -8.79 3.78
CA MET B 141 -28.05 -8.53 2.98
C MET B 141 -27.31 -9.85 2.88
N VAL B 142 -26.83 -10.34 1.73
CA VAL B 142 -25.98 -11.54 1.72
C VAL B 142 -24.69 -11.12 1.00
N THR B 143 -23.66 -11.87 1.42
CA THR B 143 -22.26 -11.76 1.08
C THR B 143 -21.64 -13.01 0.45
N LEU B 144 -21.50 -12.95 -0.85
CA LEU B 144 -20.87 -14.01 -1.59
C LEU B 144 -19.42 -13.54 -1.75
N GLY B 145 -18.50 -14.32 -2.28
CA GLY B 145 -17.14 -13.85 -2.51
C GLY B 145 -16.40 -14.69 -3.51
N CYS B 146 -15.27 -14.23 -4.01
CA CYS B 146 -14.47 -15.06 -4.88
C CYS B 146 -13.06 -15.05 -4.32
N LEU B 147 -12.40 -16.20 -4.26
CA LEU B 147 -11.09 -16.31 -3.69
C LEU B 147 -10.23 -16.67 -4.84
N VAL B 148 -9.41 -15.71 -5.28
CA VAL B 148 -8.47 -15.84 -6.39
C VAL B 148 -7.13 -16.34 -5.83
N LYS B 149 -6.76 -17.58 -6.09
CA LYS B 149 -5.65 -18.26 -5.43
C LYS B 149 -4.50 -18.72 -6.35
N GLY B 150 -3.29 -18.39 -5.87
CA GLY B 150 -2.02 -18.79 -6.42
C GLY B 150 -1.67 -18.20 -7.77
N TYR B 151 -1.89 -16.94 -8.13
CA TYR B 151 -1.50 -16.55 -9.48
C TYR B 151 -0.08 -15.95 -9.50
N PHE B 152 0.46 -15.56 -10.66
CA PHE B 152 1.71 -14.82 -10.81
C PHE B 152 1.82 -14.28 -12.25
N PRO B 153 2.25 -13.09 -12.66
CA PRO B 153 2.47 -11.91 -11.83
C PRO B 153 1.20 -11.12 -11.50
N GLU B 154 1.22 -9.86 -11.06
CA GLU B 154 0.04 -9.06 -10.80
C GLU B 154 -0.28 -8.23 -12.03
N PRO B 155 -1.46 -7.71 -12.36
CA PRO B 155 -2.70 -7.94 -11.68
C PRO B 155 -3.67 -9.03 -12.16
N VAL B 156 -4.67 -9.26 -11.33
CA VAL B 156 -5.88 -9.87 -11.80
C VAL B 156 -6.86 -8.72 -11.63
N THR B 157 -8.01 -8.90 -12.24
CA THR B 157 -9.10 -7.95 -12.19
C THR B 157 -10.39 -8.70 -11.87
N VAL B 158 -10.90 -8.64 -10.64
CA VAL B 158 -12.21 -9.26 -10.33
C VAL B 158 -13.35 -8.26 -10.55
N THR B 159 -14.36 -8.60 -11.36
CA THR B 159 -15.58 -7.82 -11.34
C THR B 159 -16.68 -8.79 -10.98
N TRP B 160 -17.93 -8.32 -10.86
CA TRP B 160 -19.12 -9.10 -10.52
C TRP B 160 -20.18 -8.69 -11.51
N ASN B 161 -20.68 -9.69 -12.19
CA ASN B 161 -21.76 -9.54 -13.15
C ASN B 161 -21.35 -8.55 -14.23
N SER B 162 -20.13 -8.76 -14.73
CA SER B 162 -19.52 -7.99 -15.77
C SER B 162 -19.61 -6.49 -15.62
N GLY B 163 -19.38 -6.10 -14.38
CA GLY B 163 -19.25 -4.72 -14.02
C GLY B 163 -20.50 -4.09 -13.45
N SER B 164 -21.58 -4.83 -13.22
CA SER B 164 -22.81 -4.22 -12.76
C SER B 164 -23.20 -4.49 -11.34
N LEU B 165 -22.44 -5.23 -10.56
CA LEU B 165 -22.72 -5.30 -9.15
C LEU B 165 -21.44 -4.54 -8.74
N SER B 166 -21.50 -3.20 -8.68
CA SER B 166 -20.36 -2.30 -8.42
C SER B 166 -20.32 -1.91 -6.93
N SER B 167 -21.13 -1.04 -6.36
CA SER B 167 -21.21 -0.86 -4.91
C SER B 167 -21.52 -2.22 -4.30
N GLY B 168 -21.27 -2.46 -3.03
CA GLY B 168 -21.42 -3.80 -2.50
C GLY B 168 -20.10 -4.56 -2.65
N VAL B 169 -19.33 -4.38 -3.72
CA VAL B 169 -18.07 -5.07 -3.97
C VAL B 169 -16.96 -4.48 -3.10
N HIS B 170 -16.03 -5.35 -2.69
CA HIS B 170 -14.88 -5.05 -1.89
C HIS B 170 -13.71 -5.94 -2.28
N THR B 171 -12.87 -5.56 -3.23
CA THR B 171 -11.74 -6.41 -3.56
C THR B 171 -10.55 -6.12 -2.67
N PHE B 172 -9.93 -7.12 -2.05
CA PHE B 172 -8.77 -6.96 -1.16
C PHE B 172 -7.40 -7.08 -1.86
N PRO B 173 -6.44 -6.23 -1.50
CA PRO B 173 -5.06 -6.26 -1.96
C PRO B 173 -4.32 -7.57 -1.85
N ALA B 174 -3.69 -7.93 -2.98
CA ALA B 174 -3.02 -9.20 -3.12
C ALA B 174 -1.90 -9.35 -2.14
N VAL B 175 -1.92 -10.47 -1.42
CA VAL B 175 -0.87 -10.81 -0.51
C VAL B 175 -0.29 -12.06 -1.12
N LEU B 176 1.00 -12.27 -1.05
CA LEU B 176 1.59 -13.43 -1.66
C LEU B 176 1.82 -14.54 -0.68
N GLN B 177 1.12 -15.65 -0.79
CA GLN B 177 1.43 -16.76 0.07
C GLN B 177 2.37 -17.60 -0.74
N SER B 178 3.56 -17.88 -0.22
CA SER B 178 4.41 -18.92 -0.77
C SER B 178 4.69 -18.70 -2.24
N ASP B 179 5.61 -17.84 -2.60
CA ASP B 179 5.96 -17.58 -3.99
C ASP B 179 4.85 -16.96 -4.86
N LEU B 180 3.55 -17.15 -4.61
CA LEU B 180 2.47 -16.69 -5.47
C LEU B 180 1.44 -15.75 -4.81
N TYR B 181 0.63 -15.12 -5.63
CA TYR B 181 -0.38 -14.22 -5.13
C TYR B 181 -1.76 -14.86 -4.86
N THR B 182 -2.45 -14.37 -3.83
CA THR B 182 -3.79 -14.72 -3.38
C THR B 182 -4.54 -13.45 -3.07
N LEU B 183 -5.79 -13.30 -3.50
CA LEU B 183 -6.62 -12.10 -3.33
C LEU B 183 -8.09 -12.54 -3.08
N SER B 184 -9.05 -11.68 -2.76
CA SER B 184 -10.43 -12.06 -2.62
C SER B 184 -11.32 -10.87 -2.93
N SER B 185 -12.60 -11.04 -3.29
CA SER B 185 -13.52 -9.95 -3.56
C SER B 185 -14.89 -10.34 -2.99
N SER B 186 -15.67 -9.45 -2.37
CA SER B 186 -16.97 -9.82 -1.84
C SER B 186 -17.99 -8.83 -2.28
N VAL B 187 -19.24 -9.28 -2.34
CA VAL B 187 -20.34 -8.42 -2.74
C VAL B 187 -21.47 -8.63 -1.74
N THR B 188 -22.01 -7.51 -1.33
CA THR B 188 -23.15 -7.51 -0.47
C THR B 188 -24.38 -7.21 -1.36
N VAL B 189 -25.11 -8.26 -1.65
CA VAL B 189 -26.36 -8.17 -2.40
C VAL B 189 -27.48 -7.84 -1.36
N PRO B 190 -28.64 -7.25 -1.67
CA PRO B 190 -29.89 -7.36 -0.93
C PRO B 190 -30.43 -8.75 -1.06
N SER B 191 -30.57 -9.65 -0.07
CA SER B 191 -31.09 -10.99 -0.26
C SER B 191 -32.45 -11.18 -0.90
N SER B 192 -33.32 -10.13 -1.06
CA SER B 192 -34.67 -10.24 -1.65
C SER B 192 -34.52 -11.16 -2.82
N PRO B 193 -33.50 -11.04 -3.65
CA PRO B 193 -33.39 -12.05 -4.65
C PRO B 193 -31.93 -12.38 -4.93
N ARG B 194 -31.70 -13.49 -4.20
CA ARG B 194 -30.51 -14.27 -4.33
C ARG B 194 -30.66 -15.45 -3.35
N PRO B 195 -30.75 -16.69 -3.81
CA PRO B 195 -30.29 -17.06 -5.13
C PRO B 195 -31.15 -16.88 -6.35
N SER B 196 -32.24 -16.10 -6.29
CA SER B 196 -33.15 -15.93 -7.42
C SER B 196 -32.60 -15.21 -8.66
N GLU B 197 -31.68 -14.27 -8.44
CA GLU B 197 -31.01 -13.48 -9.47
C GLU B 197 -29.58 -14.06 -9.47
N THR B 198 -28.91 -14.18 -10.60
CA THR B 198 -27.55 -14.67 -10.73
C THR B 198 -26.56 -13.74 -10.06
N VAL B 199 -25.45 -14.28 -9.51
CA VAL B 199 -24.32 -13.43 -9.15
C VAL B 199 -23.04 -14.19 -9.56
N THR B 200 -22.24 -13.70 -10.53
CA THR B 200 -21.02 -14.33 -10.95
C THR B 200 -19.81 -13.40 -10.96
N CYS B 201 -18.67 -13.80 -10.40
CA CYS B 201 -17.49 -12.95 -10.41
C CYS B 201 -16.68 -13.35 -11.58
N ASN B 202 -15.96 -12.41 -12.12
CA ASN B 202 -15.22 -12.55 -13.38
C ASN B 202 -13.78 -12.12 -13.17
N VAL B 203 -12.86 -13.07 -13.17
CA VAL B 203 -11.44 -12.83 -12.96
C VAL B 203 -10.67 -12.83 -14.26
N ALA B 204 -10.19 -11.69 -14.73
CA ALA B 204 -9.32 -11.67 -15.86
C ALA B 204 -7.90 -11.76 -15.32
N HIS B 205 -6.97 -12.58 -15.83
CA HIS B 205 -5.56 -12.48 -15.51
C HIS B 205 -4.79 -12.27 -16.83
N PRO B 206 -4.54 -11.03 -17.32
CA PRO B 206 -3.81 -10.71 -18.53
C PRO B 206 -2.51 -11.48 -18.73
N ALA B 207 -1.66 -11.55 -17.72
CA ALA B 207 -0.37 -12.24 -17.82
C ALA B 207 -0.46 -13.72 -18.13
N SER B 208 -1.63 -14.34 -18.14
CA SER B 208 -1.73 -15.68 -18.65
C SER B 208 -2.87 -15.82 -19.64
N SER B 209 -3.59 -14.76 -20.00
CA SER B 209 -4.67 -14.86 -20.95
C SER B 209 -5.72 -15.92 -20.62
N THR B 210 -6.25 -15.62 -19.43
CA THR B 210 -7.20 -16.43 -18.69
C THR B 210 -8.30 -15.51 -18.23
N LYS B 211 -9.56 -15.75 -18.60
CA LYS B 211 -10.69 -15.11 -17.95
C LYS B 211 -11.46 -16.26 -17.35
N VAL B 212 -12.07 -16.13 -16.20
CA VAL B 212 -12.75 -17.19 -15.52
C VAL B 212 -14.06 -16.60 -15.08
N ASP B 213 -15.23 -17.18 -15.26
CA ASP B 213 -16.49 -16.67 -14.70
C ASP B 213 -16.95 -17.77 -13.80
N LYS B 214 -17.27 -17.56 -12.50
CA LYS B 214 -17.87 -18.59 -11.65
C LYS B 214 -19.22 -18.08 -11.14
N LYS B 215 -20.31 -18.79 -11.36
CA LYS B 215 -21.62 -18.43 -10.84
C LYS B 215 -21.57 -18.77 -9.35
N ILE B 216 -21.86 -17.83 -8.46
CA ILE B 216 -21.92 -18.12 -7.03
C ILE B 216 -23.34 -18.61 -6.88
N VAL B 217 -23.43 -19.81 -6.33
CA VAL B 217 -24.68 -20.50 -6.16
C VAL B 217 -24.78 -20.94 -4.73
N PRO B 218 -25.99 -20.92 -4.14
CA PRO B 218 -26.24 -21.32 -2.76
C PRO B 218 -25.53 -22.62 -2.42
N ARG B 219 -25.38 -23.53 -3.37
CA ARG B 219 -24.59 -24.72 -3.17
C ARG B 219 -24.49 -25.44 -4.55
C1 ANO C . 23.96 15.91 1.59
C2 ANO C . 25.09 14.98 1.12
C3 ANO C . 26.40 15.56 0.54
O3 ANO C . 27.43 14.92 0.29
C4 ANO C . 26.19 17.04 0.17
C5 ANO C . 25.18 17.90 0.92
C6 ANO C . 25.20 19.21 0.21
C7 ANO C . 24.55 19.22 -1.16
C8 ANO C . 23.19 18.55 -1.21
C9 ANO C . 23.33 17.11 -0.63
C10 ANO C . 23.79 17.22 0.85
C11 ANO C . 22.01 16.32 -0.75
C12 ANO C . 21.56 16.20 -2.20
C13 ANO C . 21.43 17.59 -2.74
C14 ANO C . 22.71 18.46 -2.68
C15 ANO C . 22.41 19.70 -3.56
C16 ANO C . 21.71 19.03 -4.75
C17 ANO C . 21.33 17.62 -4.25
O17 ANO C . 21.02 16.68 -4.99
C18 ANO C . 20.15 18.18 -2.17
C19 ANO C . 22.70 18.01 1.59
#